data_7R6N
#
_entry.id   7R6N
#
_cell.length_a   1.00
_cell.length_b   1.00
_cell.length_c   1.00
_cell.angle_alpha   90.00
_cell.angle_beta   90.00
_cell.angle_gamma   90.00
#
_symmetry.space_group_name_H-M   'P 1'
#
loop_
_entity.id
_entity.type
_entity.pdbx_description
1 polymer 'Group I intron'
2 non-polymer 'MAGNESIUM ION'
#
_entity_poly.entity_id   1
_entity_poly.type   'polyribonucleotide'
_entity_poly.pdbx_seq_one_letter_code
;UGGAGGGAAAAGUUAUCAGGCAUGCACCUGGUAGCUAGUCUUUAAACCAAUAGAUUGCAUCGGUUUAAAAGGCAAGACCG
UCAAAUUGCGGGAAAGGGGUCAACAGCCGUUCAGUACCAAGUCUCAGGGGAAACUUUGAGAUGGCCUUGCAAAGGGUAUG
GUAAUAAGCUGACGGACAUGGUCCUAACCACGCAGCCAAGUCCUAAGUCAACAGGAUGGUUCUGUUGAUAUGGAUGCAGU
UCACAGACUAAAUGUCGGUCGGGGAAGAUGUAUUCUUCUCAUAAGAUAUAGUCGGACCUCUCCUUAAUGGGAGCUAGCGG
AUGAAGUGAUGCAACACUGGAGCCGCUGGGAACUAAUCAGUGAACCAUCCACUGAUUAGUUUUGGAGUACUCG
;
_entity_poly.pdbx_strand_id   A
#
loop_
_chem_comp.id
_chem_comp.type
_chem_comp.name
_chem_comp.formula
A RNA linking ADENOSINE-5'-MONOPHOSPHATE 'C10 H14 N5 O7 P'
C RNA linking CYTIDINE-5'-MONOPHOSPHATE 'C9 H14 N3 O8 P'
G RNA linking GUANOSINE-5'-MONOPHOSPHATE 'C10 H14 N5 O8 P'
MG non-polymer 'MAGNESIUM ION' 'Mg 2'
U RNA linking URIDINE-5'-MONOPHOSPHATE 'C9 H13 N2 O9 P'
#
# COMPACT_ATOMS: atom_id res chain seq x y z
MG MG B . -4.21 -5.26 -29.76
MG MG C . -3.68 2.80 -14.98
MG MG D . -11.80 3.37 -26.58
MG MG E . -10.41 -1.98 7.99
MG MG F . 4.72 -4.95 10.63
MG MG G . 10.40 -7.69 7.98
MG MG H . -7.61 4.61 14.75
MG MG I . 7.38 5.71 12.62
MG MG J . -0.24 2.30 8.58
MG MG K . 10.53 -0.44 19.19
MG MG L . 2.97 3.47 -17.62
MG MG M . 1.92 -1.96 7.21
#